data_5I09
#
_entry.id   5I09
#
_cell.length_a   90.989
_cell.length_b   65.091
_cell.length_c   70.776
_cell.angle_alpha   90.00
_cell.angle_beta   96.30
_cell.angle_gamma   90.00
#
_symmetry.space_group_name_H-M   'C 1 2 1'
#
loop_
_entity.id
_entity.type
_entity.pdbx_description
1 polymer 'Queuine tRNA-ribosyltransferase'
2 non-polymer 'ZINC ION'
3 non-polymer GLYCEROL
4 non-polymer 'methyl 6-[6-amino-2-(methylamino)-8-oxo-7,8-dihydro-1H-imidazo[4,5-g]quinazolin-4-yl]-5,6-dideoxy-3-O-methyl-beta-D-ribo-hexofuranoside'
5 water water
#
_entity_poly.entity_id   1
_entity_poly.type   'polypeptide(L)'
_entity_poly.pdbx_seq_one_letter_code
;MVEATAQETDRPRFSFSIAAREGKARTGTIEMKRGVIRTPAFMPVGTAATVKALKPETVRATGADIILGNTYHLMLRPGA
ERIAKLGGLHSFMGWDRPILTDSGGYQVMSLSSLTKQSEEGVTFKSHLDGSRHMLSPERSIEIQHLLGSDIVMAFDECTP
YPATPSRAASSMERSMRWAKRSRDAFDSRKEQAENAALFGIQQGSVFENLRQQSADALAEIGFDGYAVGGLAVGEGQDEM
FRVLDFSVPMLPDDKPHYLMGVGKPDDIVGAVERGIDMFDCVLPTRSGRNGQAFTWDGPINIRNARFSEDLKPLDSECHC
AVCQKWSRAYIHHLIRAGEILGAMLMTEHNIAFYQQLMQKIRDSISEGRFSQFAQDFRARYFARNS
;
_entity_poly.pdbx_strand_id   A
#
loop_
_chem_comp.id
_chem_comp.type
_chem_comp.name
_chem_comp.formula
1UD non-polymer 'methyl 6-[6-amino-2-(methylamino)-8-oxo-7,8-dihydro-1H-imidazo[4,5-g]quinazolin-4-yl]-5,6-dideoxy-3-O-methyl-beta-D-ribo-hexofuranoside' 'C18 H24 N6 O5'
GOL non-polymer GLYCEROL 'C3 H8 O3'
ZN non-polymer 'ZINC ION' 'Zn 2'
#
# COMPACT_ATOMS: atom_id res chain seq x y z
N ASP A 10 12.71 -24.39 0.68
CA ASP A 10 12.00 -23.30 0.02
C ASP A 10 11.15 -22.50 1.01
N ARG A 11 10.80 -21.28 0.63
CA ARG A 11 10.04 -20.42 1.52
C ARG A 11 8.61 -20.93 1.68
N PRO A 12 7.96 -20.63 2.80
CA PRO A 12 6.56 -21.01 3.00
C PRO A 12 5.64 -20.14 2.17
N ARG A 13 4.37 -20.58 2.09
CA ARG A 13 3.33 -19.75 1.51
C ARG A 13 3.26 -18.39 2.21
N PHE A 14 3.31 -18.39 3.54
CA PHE A 14 3.20 -17.15 4.30
C PHE A 14 3.71 -17.38 5.71
N SER A 15 4.70 -16.59 6.13
N SER A 15 4.64 -16.54 6.17
CA SER A 15 5.13 -16.58 7.52
CA SER A 15 5.12 -16.61 7.55
C SER A 15 5.52 -15.15 7.88
C SER A 15 5.62 -15.24 7.98
N PHE A 16 4.93 -14.62 8.94
CA PHE A 16 5.29 -13.32 9.48
C PHE A 16 6.01 -13.53 10.79
N SER A 17 7.20 -12.97 10.93
N SER A 17 7.20 -12.95 10.92
N SER A 17 7.21 -12.98 10.91
CA SER A 17 8.00 -13.10 12.14
CA SER A 17 8.00 -13.08 12.13
CA SER A 17 8.01 -13.07 12.12
C SER A 17 8.44 -11.71 12.60
C SER A 17 8.42 -11.69 12.60
C SER A 17 8.35 -11.65 12.58
N ILE A 18 8.26 -11.43 13.89
CA ILE A 18 8.60 -10.15 14.49
C ILE A 18 9.96 -10.32 15.15
N ALA A 19 10.93 -9.52 14.70
CA ALA A 19 12.30 -9.62 15.19
C ALA A 19 12.60 -8.66 16.31
N ALA A 20 11.91 -7.52 16.37
CA ALA A 20 12.17 -6.52 17.39
C ALA A 20 10.97 -5.60 17.53
N ARG A 21 10.82 -5.04 18.73
N ARG A 21 10.81 -5.06 18.74
CA ARG A 21 9.67 -4.21 19.06
CA ARG A 21 9.68 -4.20 19.06
C ARG A 21 10.12 -3.01 19.88
C ARG A 21 10.17 -2.99 19.83
N GLU A 22 9.40 -1.91 19.75
CA GLU A 22 9.60 -0.73 20.59
C GLU A 22 8.24 -0.07 20.74
N GLY A 23 7.69 -0.10 21.94
CA GLY A 23 6.32 0.35 22.13
C GLY A 23 5.40 -0.50 21.27
N LYS A 24 4.52 0.16 20.51
CA LYS A 24 3.65 -0.54 19.58
C LYS A 24 4.32 -0.84 18.23
N ALA A 25 5.50 -0.29 17.98
CA ALA A 25 6.17 -0.48 16.71
C ALA A 25 6.86 -1.86 16.66
N ARG A 26 6.86 -2.45 15.47
CA ARG A 26 7.45 -3.77 15.25
C ARG A 26 8.28 -3.74 13.99
N THR A 27 9.33 -4.55 13.95
CA THR A 27 10.06 -4.78 12.72
C THR A 27 10.28 -6.28 12.55
N GLY A 28 10.22 -6.74 11.31
CA GLY A 28 10.34 -8.16 11.05
C GLY A 28 10.27 -8.49 9.57
N THR A 29 9.81 -9.69 9.23
CA THR A 29 9.76 -10.15 7.85
C THR A 29 8.50 -10.95 7.58
N ILE A 30 8.00 -10.81 6.37
CA ILE A 30 7.02 -11.73 5.81
C ILE A 30 7.75 -12.57 4.77
N GLU A 31 7.76 -13.87 4.96
N GLU A 31 7.76 -13.88 4.97
CA GLU A 31 8.31 -14.79 3.97
CA GLU A 31 8.28 -14.81 3.98
C GLU A 31 7.17 -15.37 3.13
C GLU A 31 7.12 -15.31 3.13
N MET A 32 7.31 -15.27 1.81
CA MET A 32 6.36 -15.83 0.86
C MET A 32 7.14 -16.57 -0.22
N LYS A 33 6.42 -17.31 -1.06
CA LYS A 33 7.12 -18.12 -2.06
C LYS A 33 7.98 -17.27 -2.97
N ARG A 34 7.51 -16.09 -3.36
N ARG A 34 7.50 -16.08 -3.35
CA ARG A 34 8.26 -15.28 -4.32
CA ARG A 34 8.23 -15.26 -4.32
C ARG A 34 9.31 -14.38 -3.68
C ARG A 34 9.22 -14.29 -3.68
N GLY A 35 9.37 -14.28 -2.36
CA GLY A 35 10.37 -13.43 -1.74
C GLY A 35 10.05 -13.08 -0.31
N VAL A 36 11.01 -12.40 0.31
CA VAL A 36 10.90 -11.88 1.67
C VAL A 36 10.55 -10.40 1.63
N ILE A 37 9.63 -9.99 2.48
CA ILE A 37 9.21 -8.59 2.62
C ILE A 37 9.64 -8.11 4.00
N ARG A 38 10.50 -7.10 4.02
CA ARG A 38 10.95 -6.51 5.28
C ARG A 38 9.91 -5.52 5.78
N THR A 39 9.56 -5.61 7.07
CA THR A 39 8.55 -4.72 7.63
C THR A 39 9.12 -3.88 8.77
N PRO A 40 8.65 -2.63 8.94
CA PRO A 40 7.59 -2.00 8.12
C PRO A 40 8.01 -1.79 6.68
N ALA A 41 7.05 -2.00 5.77
CA ALA A 41 7.29 -2.02 4.34
C ALA A 41 6.53 -0.89 3.66
N PHE A 42 7.16 -0.28 2.67
CA PHE A 42 6.44 0.59 1.74
C PHE A 42 6.33 -0.10 0.40
N MET A 43 5.12 -0.13 -0.15
CA MET A 43 4.83 -0.86 -1.38
C MET A 43 4.52 0.12 -2.50
N PRO A 44 5.41 0.28 -3.49
CA PRO A 44 5.10 1.19 -4.59
C PRO A 44 3.88 0.73 -5.36
N VAL A 45 3.11 1.68 -5.88
CA VAL A 45 1.82 1.40 -6.50
C VAL A 45 2.00 1.27 -8.01
N GLY A 46 1.48 0.17 -8.56
CA GLY A 46 1.57 -0.08 -9.98
C GLY A 46 0.21 -0.11 -10.65
N ALA A 48 -1.58 0.29 -13.63
CA ALA A 48 -1.82 -0.30 -14.94
C ALA A 48 -0.71 -1.30 -15.33
N ALA A 49 -0.33 -2.17 -14.41
CA ALA A 49 0.74 -3.13 -14.63
C ALA A 49 2.08 -2.46 -14.89
N THR A 50 2.29 -1.32 -14.25
CA THR A 50 3.59 -0.67 -14.28
C THR A 50 3.64 0.26 -13.09
N VAL A 51 4.81 0.32 -12.43
CA VAL A 51 5.08 1.41 -11.50
C VAL A 51 5.50 2.58 -12.37
N LYS A 52 4.72 3.66 -12.39
CA LYS A 52 4.81 4.63 -13.48
C LYS A 52 6.23 5.19 -13.64
N ALA A 53 6.73 5.13 -14.87
CA ALA A 53 8.03 5.65 -15.29
C ALA A 53 9.25 4.87 -14.81
N LEU A 54 9.07 3.65 -14.26
CA LEU A 54 10.21 2.86 -13.79
C LEU A 54 10.16 1.45 -14.33
N LYS A 55 11.31 0.95 -14.80
CA LYS A 55 11.44 -0.48 -15.04
C LYS A 55 11.39 -1.23 -13.71
N PRO A 56 10.89 -2.46 -13.70
CA PRO A 56 10.90 -3.25 -12.45
C PRO A 56 12.28 -3.36 -11.81
N GLU A 57 13.35 -3.47 -12.61
N GLU A 57 13.35 -3.47 -12.61
CA GLU A 57 14.68 -3.53 -12.02
CA GLU A 57 14.69 -3.52 -12.02
C GLU A 57 15.01 -2.26 -11.25
C GLU A 57 15.01 -2.26 -11.24
N THR A 58 14.53 -1.11 -11.72
CA THR A 58 14.75 0.13 -11.01
C THR A 58 13.93 0.18 -9.72
N VAL A 59 12.68 -0.28 -9.77
CA VAL A 59 11.88 -0.40 -8.56
C VAL A 59 12.62 -1.24 -7.52
N ARG A 60 13.16 -2.39 -7.94
CA ARG A 60 13.89 -3.24 -7.00
C ARG A 60 15.15 -2.54 -6.48
N ALA A 61 15.85 -1.83 -7.36
CA ALA A 61 17.10 -1.18 -6.95
C ALA A 61 16.86 -0.11 -5.88
N THR A 62 15.65 0.46 -5.83
CA THR A 62 15.35 1.42 -4.78
C THR A 62 15.15 0.76 -3.43
N GLY A 63 14.96 -0.56 -3.39
CA GLY A 63 14.80 -1.29 -2.15
C GLY A 63 13.42 -1.91 -1.96
N ALA A 64 12.51 -1.77 -2.91
CA ALA A 64 11.17 -2.33 -2.75
C ALA A 64 11.21 -3.86 -2.76
N ASP A 65 10.47 -4.47 -1.82
CA ASP A 65 10.35 -5.93 -1.73
C ASP A 65 9.05 -6.44 -2.34
N ILE A 66 8.08 -5.57 -2.54
CA ILE A 66 6.75 -5.94 -3.01
C ILE A 66 6.16 -4.70 -3.66
N ILE A 67 5.33 -4.90 -4.67
CA ILE A 67 4.62 -3.82 -5.34
C ILE A 67 3.14 -4.13 -5.33
N LEU A 68 2.35 -3.12 -5.66
N LEU A 68 2.36 -3.10 -5.64
CA LEU A 68 0.90 -3.29 -5.67
CA LEU A 68 0.92 -3.21 -5.61
C LEU A 68 0.34 -3.31 -7.07
C LEU A 68 0.29 -3.12 -6.99
N GLY A 69 -0.36 -4.38 -7.48
N GLY A 69 -0.77 -3.86 -7.20
CA GLY A 69 -0.98 -4.46 -8.79
CA GLY A 69 -1.69 -3.67 -8.31
C GLY A 69 -2.29 -3.69 -8.77
C GLY A 69 -3.14 -3.62 -7.83
N ASN A 70 -2.55 -2.97 -9.86
N ASN A 70 -4.04 -3.40 -8.79
CA ASN A 70 -3.69 -2.06 -9.95
CA ASN A 70 -5.46 -3.20 -8.44
C ASN A 70 -4.90 -2.84 -10.47
C ASN A 70 -6.37 -4.04 -9.32
N THR A 71 -5.61 -3.50 -9.54
N THR A 71 -7.34 -4.71 -8.68
CA THR A 71 -6.70 -4.40 -9.91
CA THR A 71 -8.33 -5.50 -9.40
C THR A 71 -7.76 -3.68 -10.74
C THR A 71 -9.13 -4.64 -10.37
N TYR A 72 -8.31 -2.59 -10.21
N TYR A 72 -9.45 -3.41 -9.98
CA TYR A 72 -9.41 -1.92 -10.90
CA TYR A 72 -10.32 -2.57 -10.80
C TYR A 72 -9.01 -1.54 -12.32
C TYR A 72 -9.69 -2.23 -12.15
N HIS A 73 -7.81 -0.99 -12.48
N HIS A 73 -8.49 -1.64 -12.13
CA HIS A 73 -7.30 -0.75 -13.82
CA HIS A 73 -7.94 -1.08 -13.38
C HIS A 73 -7.19 -2.07 -14.58
C HIS A 73 -7.57 -2.18 -14.37
N LEU A 74 -6.76 -3.15 -13.91
CA LEU A 74 -6.38 -4.31 -14.70
C LEU A 74 -7.56 -5.13 -15.20
N MET A 75 -8.67 -5.19 -14.44
CA MET A 75 -9.82 -5.92 -14.95
C MET A 75 -10.43 -5.21 -16.14
N LEU A 76 -10.23 -3.89 -16.24
CA LEU A 76 -10.73 -3.14 -17.39
C LEU A 76 -9.74 -3.20 -18.55
N ARG A 77 -8.45 -2.99 -18.26
CA ARG A 77 -7.42 -3.00 -19.29
C ARG A 77 -6.13 -3.48 -18.64
N PRO A 78 -5.54 -4.57 -19.15
CA PRO A 78 -5.92 -5.32 -20.36
C PRO A 78 -6.99 -6.39 -20.17
N GLY A 79 -7.46 -6.60 -18.95
CA GLY A 79 -8.42 -7.65 -18.64
C GLY A 79 -7.75 -8.74 -17.85
N ALA A 80 -8.47 -9.28 -16.85
CA ALA A 80 -7.87 -10.29 -15.97
C ALA A 80 -7.68 -11.60 -16.71
N GLU A 81 -8.68 -12.03 -17.47
CA GLU A 81 -8.53 -13.27 -18.23
C GLU A 81 -7.38 -13.18 -19.23
N ARG A 82 -7.22 -12.02 -19.87
CA ARG A 82 -6.11 -11.84 -20.81
C ARG A 82 -4.77 -11.95 -20.10
N ILE A 83 -4.61 -11.27 -18.96
CA ILE A 83 -3.35 -11.39 -18.23
C ILE A 83 -3.07 -12.84 -17.86
N ALA A 84 -4.10 -13.57 -17.43
CA ALA A 84 -3.90 -14.99 -17.10
C ALA A 84 -3.45 -15.77 -18.34
N LYS A 85 -4.08 -15.52 -19.50
CA LYS A 85 -3.68 -16.23 -20.71
C LYS A 85 -2.24 -15.95 -21.08
N LEU A 86 -1.74 -14.76 -20.74
CA LEU A 86 -0.39 -14.35 -21.04
C LEU A 86 0.62 -14.80 -20.00
N GLY A 87 0.17 -15.49 -18.95
CA GLY A 87 1.07 -16.06 -17.97
C GLY A 87 1.03 -15.42 -16.60
N GLY A 88 0.15 -14.45 -16.40
CA GLY A 88 0.02 -13.80 -15.10
C GLY A 88 0.76 -12.47 -15.05
N LEU A 89 0.41 -11.68 -14.03
CA LEU A 89 0.92 -10.32 -13.93
C LEU A 89 2.44 -10.29 -13.75
N HIS A 90 3.01 -11.24 -13.01
CA HIS A 90 4.44 -11.22 -12.76
C HIS A 90 5.23 -11.30 -14.06
N SER A 91 4.92 -12.31 -14.87
N SER A 91 4.94 -12.30 -14.90
CA SER A 91 5.58 -12.48 -16.17
CA SER A 91 5.67 -12.40 -16.15
C SER A 91 5.27 -11.32 -17.11
C SER A 91 5.28 -11.31 -17.14
N PHE A 92 4.02 -10.87 -17.12
CA PHE A 92 3.56 -9.81 -18.02
C PHE A 92 4.38 -8.54 -17.82
N MET A 93 4.51 -8.08 -16.57
CA MET A 93 5.21 -6.83 -16.32
C MET A 93 6.68 -6.99 -15.98
N GLY A 94 7.15 -8.22 -15.73
CA GLY A 94 8.56 -8.42 -15.44
C GLY A 94 8.96 -8.18 -14.01
N TRP A 95 8.06 -8.40 -13.06
CA TRP A 95 8.37 -8.32 -11.62
C TRP A 95 8.13 -9.69 -11.02
N ASP A 96 9.21 -10.32 -10.52
CA ASP A 96 9.13 -11.71 -10.06
C ASP A 96 8.97 -11.87 -8.55
N ARG A 97 8.84 -10.76 -7.82
CA ARG A 97 8.70 -10.75 -6.38
C ARG A 97 7.23 -10.65 -5.98
N PRO A 98 6.89 -10.62 -4.69
CA PRO A 98 5.47 -10.56 -4.32
C PRO A 98 4.77 -9.33 -4.87
N ILE A 99 3.49 -9.51 -5.18
CA ILE A 99 2.57 -8.45 -5.59
C ILE A 99 1.33 -8.55 -4.70
N LEU A 100 0.91 -7.43 -4.14
CA LEU A 100 -0.36 -7.33 -3.42
C LEU A 100 -1.34 -6.63 -4.34
N THR A 101 -2.58 -7.14 -4.40
CA THR A 101 -3.61 -6.50 -5.21
C THR A 101 -4.77 -6.05 -4.32
N ASP A 102 -5.24 -4.83 -4.54
CA ASP A 102 -6.48 -4.42 -3.88
C ASP A 102 -7.66 -5.14 -4.53
N SER A 103 -8.80 -5.12 -3.84
CA SER A 103 -9.95 -5.93 -4.24
C SER A 103 -10.87 -5.23 -5.24
N GLY A 104 -10.76 -3.92 -5.42
CA GLY A 104 -11.42 -3.23 -6.51
C GLY A 104 -12.60 -2.36 -6.14
N GLY A 105 -13.23 -2.61 -4.98
CA GLY A 105 -14.43 -1.86 -4.65
C GLY A 105 -14.15 -0.39 -4.35
N TYR A 106 -13.05 -0.11 -3.66
CA TYR A 106 -12.67 1.27 -3.38
C TYR A 106 -12.57 2.06 -4.68
N GLN A 107 -11.85 1.52 -5.65
CA GLN A 107 -11.66 2.23 -6.90
C GLN A 107 -12.93 2.31 -7.72
N VAL A 108 -13.79 1.28 -7.70
CA VAL A 108 -15.09 1.39 -8.36
C VAL A 108 -15.86 2.57 -7.81
N MET A 109 -15.96 2.66 -6.49
CA MET A 109 -16.72 3.74 -5.87
C MET A 109 -16.02 5.09 -6.00
N SER A 110 -14.72 5.09 -6.28
CA SER A 110 -13.98 6.33 -6.46
C SER A 110 -13.97 6.80 -7.91
N LEU A 111 -13.89 5.88 -8.88
CA LEU A 111 -13.59 6.22 -10.26
C LEU A 111 -14.70 5.92 -11.25
N SER A 112 -15.61 5.01 -10.95
CA SER A 112 -16.61 4.60 -11.94
C SER A 112 -17.76 5.59 -12.05
N THR A 115 -22.71 3.66 -10.70
CA THR A 115 -22.54 2.49 -9.85
C THR A 115 -23.87 2.03 -9.23
N LYS A 116 -24.05 0.73 -9.09
CA LYS A 116 -25.23 0.15 -8.43
C LYS A 116 -24.74 -0.86 -7.41
N GLN A 117 -24.97 -0.57 -6.13
CA GLN A 117 -24.48 -1.40 -5.04
C GLN A 117 -25.62 -2.26 -4.51
N SER A 118 -25.29 -3.51 -4.17
CA SER A 118 -26.25 -4.41 -3.56
C SER A 118 -25.49 -5.36 -2.64
N GLU A 119 -26.24 -6.20 -1.93
CA GLU A 119 -25.61 -7.24 -1.12
C GLU A 119 -24.75 -8.18 -1.96
N GLU A 120 -25.08 -8.32 -3.25
CA GLU A 120 -24.32 -9.21 -4.11
C GLU A 120 -22.96 -8.63 -4.47
N GLY A 121 -22.87 -7.32 -4.62
CA GLY A 121 -21.63 -6.68 -5.06
C GLY A 121 -21.94 -5.31 -5.65
N VAL A 122 -21.11 -4.90 -6.61
CA VAL A 122 -21.29 -3.60 -7.24
C VAL A 122 -21.23 -3.77 -8.75
N THR A 123 -22.21 -3.18 -9.44
CA THR A 123 -22.17 -3.04 -10.89
C THR A 123 -21.82 -1.59 -11.24
N PHE A 124 -21.09 -1.42 -12.33
CA PHE A 124 -20.56 -0.10 -12.62
C PHE A 124 -20.24 0.02 -14.11
N LYS A 125 -20.21 1.26 -14.59
CA LYS A 125 -19.89 1.56 -15.97
C LYS A 125 -18.39 1.77 -16.16
N SER A 131 -19.27 0.40 -21.21
CA SER A 131 -18.97 -0.94 -20.72
C SER A 131 -19.45 -1.12 -19.29
N ARG A 132 -20.29 -2.12 -19.05
CA ARG A 132 -20.78 -2.44 -17.73
C ARG A 132 -20.05 -3.65 -17.18
N HIS A 133 -19.80 -3.63 -15.87
CA HIS A 133 -19.06 -4.70 -15.21
C HIS A 133 -19.62 -4.91 -13.81
N MET A 134 -19.40 -6.13 -13.30
CA MET A 134 -19.75 -6.51 -11.90
C MET A 134 -18.52 -6.82 -11.12
N LEU A 135 -18.60 -6.44 -9.87
CA LEU A 135 -17.62 -6.92 -8.91
C LEU A 135 -18.38 -7.43 -7.70
N SER A 136 -18.04 -8.63 -7.26
CA SER A 136 -18.59 -9.26 -6.08
C SER A 136 -17.40 -9.81 -5.33
N PRO A 137 -17.58 -10.23 -4.07
CA PRO A 137 -16.49 -10.94 -3.40
C PRO A 137 -15.92 -12.07 -4.23
N GLU A 138 -16.78 -12.88 -4.84
CA GLU A 138 -16.30 -14.05 -5.58
C GLU A 138 -15.54 -13.63 -6.83
N ARG A 139 -16.06 -12.65 -7.58
CA ARG A 139 -15.39 -12.22 -8.80
C ARG A 139 -14.10 -11.48 -8.47
N SER A 140 -14.08 -10.72 -7.39
CA SER A 140 -12.86 -10.02 -6.99
C SER A 140 -11.74 -11.00 -6.67
N ILE A 141 -12.05 -12.03 -5.87
CA ILE A 141 -11.06 -13.04 -5.55
C ILE A 141 -10.61 -13.77 -6.81
N GLU A 142 -11.55 -14.06 -7.71
CA GLU A 142 -11.19 -14.73 -8.96
C GLU A 142 -10.26 -13.88 -9.80
N ILE A 143 -10.56 -12.58 -9.95
CA ILE A 143 -9.70 -11.68 -10.71
C ILE A 143 -8.29 -11.68 -10.12
N GLN A 144 -8.19 -11.58 -8.79
CA GLN A 144 -6.87 -11.56 -8.16
C GLN A 144 -6.13 -12.86 -8.40
N HIS A 145 -6.85 -13.98 -8.44
CA HIS A 145 -6.23 -15.25 -8.83
C HIS A 145 -5.71 -15.20 -10.26
N LEU A 146 -6.55 -14.73 -11.19
CA LEU A 146 -6.15 -14.67 -12.59
C LEU A 146 -4.92 -13.80 -12.78
N LEU A 147 -4.84 -12.69 -12.02
CA LEU A 147 -3.64 -11.86 -12.06
C LEU A 147 -2.43 -12.58 -11.45
N GLY A 148 -2.65 -13.56 -10.59
CA GLY A 148 -1.54 -14.21 -9.93
C GLY A 148 -1.02 -13.48 -8.71
N SER A 149 -1.90 -12.72 -8.04
CA SER A 149 -1.53 -11.96 -6.85
C SER A 149 -0.99 -12.87 -5.76
N ASP A 150 0.04 -12.38 -5.05
CA ASP A 150 0.54 -13.09 -3.88
C ASP A 150 -0.20 -12.74 -2.61
N ILE A 151 -0.53 -11.47 -2.41
CA ILE A 151 -1.37 -11.06 -1.28
C ILE A 151 -2.68 -10.54 -1.85
N VAL A 152 -3.74 -11.26 -1.55
CA VAL A 152 -5.09 -10.99 -2.04
C VAL A 152 -5.84 -10.23 -0.96
N MET A 153 -6.48 -9.11 -1.32
CA MET A 153 -7.30 -8.37 -0.38
C MET A 153 -8.77 -8.82 -0.45
N ALA A 154 -9.39 -8.97 0.72
CA ALA A 154 -10.83 -9.21 0.75
C ALA A 154 -11.57 -8.08 0.04
N PHE A 155 -12.73 -8.42 -0.53
CA PHE A 155 -13.59 -7.44 -1.17
C PHE A 155 -14.43 -6.75 -0.10
N ASP A 156 -14.26 -5.44 0.04
CA ASP A 156 -14.85 -4.66 1.11
C ASP A 156 -15.52 -3.43 0.53
N GLU A 157 -16.10 -2.63 1.43
CA GLU A 157 -16.67 -1.34 1.11
C GLU A 157 -15.97 -0.31 1.99
N CYS A 158 -15.30 0.65 1.36
CA CYS A 158 -14.64 1.74 2.08
C CYS A 158 -15.69 2.81 2.35
N THR A 159 -16.13 2.88 3.59
CA THR A 159 -17.20 3.78 3.98
C THR A 159 -16.76 5.24 3.75
N PRO A 160 -17.58 6.05 3.06
CA PRO A 160 -17.22 7.46 2.88
C PRO A 160 -17.09 8.17 4.23
N TYR A 161 -16.29 9.23 4.23
CA TYR A 161 -16.10 10.07 5.41
C TYR A 161 -16.58 11.48 5.10
N PRO A 162 -17.36 12.08 6.02
CA PRO A 162 -17.81 11.48 7.28
C PRO A 162 -19.00 10.55 7.09
N ALA A 163 -19.19 9.67 8.05
CA ALA A 163 -20.32 8.75 8.04
C ALA A 163 -21.05 8.82 9.37
N THR A 164 -22.38 8.78 9.32
CA THR A 164 -23.12 8.67 10.56
C THR A 164 -22.88 7.29 11.17
N PRO A 165 -23.05 7.17 12.49
CA PRO A 165 -22.90 5.85 13.12
C PRO A 165 -23.76 4.76 12.49
N SER A 166 -25.02 5.08 12.15
N SER A 166 -25.01 5.08 12.14
CA SER A 166 -25.88 4.08 11.53
CA SER A 166 -25.87 4.06 11.55
C SER A 166 -25.32 3.61 10.20
C SER A 166 -25.37 3.60 10.18
N ARG A 167 -24.92 4.54 9.34
CA ARG A 167 -24.43 4.17 8.02
C ARG A 167 -23.07 3.49 8.09
N ALA A 168 -22.20 3.95 9.00
CA ALA A 168 -20.95 3.25 9.22
C ALA A 168 -21.19 1.83 9.69
N ALA A 169 -22.17 1.63 10.57
CA ALA A 169 -22.44 0.27 11.05
C ALA A 169 -22.94 -0.63 9.93
N SER A 170 -23.93 -0.17 9.17
N SER A 170 -23.92 -0.17 9.15
CA SER A 170 -24.48 -0.96 8.07
CA SER A 170 -24.47 -0.98 8.07
C SER A 170 -23.41 -1.30 7.04
C SER A 170 -23.43 -1.29 7.01
N SER A 171 -22.56 -0.32 6.71
CA SER A 171 -21.49 -0.55 5.75
C SER A 171 -20.51 -1.57 6.28
N MET A 172 -20.07 -1.40 7.53
CA MET A 172 -19.14 -2.35 8.14
C MET A 172 -19.73 -3.75 8.19
N GLU A 173 -21.02 -3.86 8.54
CA GLU A 173 -21.64 -5.18 8.62
C GLU A 173 -21.64 -5.87 7.27
N ARG A 174 -21.94 -5.11 6.21
N ARG A 174 -21.92 -5.12 6.20
CA ARG A 174 -21.86 -5.68 4.86
CA ARG A 174 -21.87 -5.70 4.87
C ARG A 174 -20.45 -6.12 4.55
C ARG A 174 -20.44 -6.10 4.50
N SER A 175 -19.45 -5.28 4.87
CA SER A 175 -18.08 -5.65 4.60
C SER A 175 -17.69 -6.93 5.32
N MET A 176 -18.23 -7.15 6.53
CA MET A 176 -17.86 -8.37 7.24
C MET A 176 -18.50 -9.60 6.60
N ARG A 177 -19.73 -9.46 6.10
CA ARG A 177 -20.34 -10.55 5.33
C ARG A 177 -19.54 -10.82 4.06
N TRP A 178 -19.08 -9.75 3.40
CA TRP A 178 -18.24 -9.90 2.21
C TRP A 178 -16.88 -10.48 2.55
N ALA A 179 -16.37 -10.22 3.75
CA ALA A 179 -15.09 -10.79 4.18
C ALA A 179 -15.20 -12.30 4.29
N LYS A 180 -16.31 -12.80 4.82
CA LYS A 180 -16.52 -14.25 4.89
C LYS A 180 -16.64 -14.85 3.49
N ARG A 181 -17.39 -14.19 2.60
CA ARG A 181 -17.48 -14.69 1.23
C ARG A 181 -16.13 -14.68 0.55
N SER A 182 -15.30 -13.67 0.83
CA SER A 182 -13.95 -13.60 0.27
C SER A 182 -13.11 -14.77 0.75
N ARG A 183 -13.13 -15.03 2.05
CA ARG A 183 -12.43 -16.16 2.64
C ARG A 183 -12.82 -17.48 1.96
N ASP A 184 -14.13 -17.71 1.80
CA ASP A 184 -14.59 -18.98 1.26
C ASP A 184 -14.23 -19.12 -0.23
N ALA A 185 -14.32 -18.01 -1.00
CA ALA A 185 -13.94 -18.07 -2.40
C ALA A 185 -12.45 -18.38 -2.55
N PHE A 186 -11.62 -17.72 -1.74
CA PHE A 186 -10.17 -17.97 -1.74
C PHE A 186 -9.88 -19.43 -1.39
N ASP A 187 -10.53 -19.95 -0.35
CA ASP A 187 -10.21 -21.30 0.12
C ASP A 187 -10.69 -22.37 -0.85
N SER A 188 -11.74 -22.10 -1.62
N SER A 188 -11.74 -22.10 -1.62
CA SER A 188 -12.25 -23.11 -2.55
CA SER A 188 -12.29 -23.06 -2.57
C SER A 188 -11.27 -23.35 -3.69
C SER A 188 -11.50 -23.16 -3.86
N ARG A 189 -10.44 -22.37 -4.00
CA ARG A 189 -9.56 -22.41 -5.17
C ARG A 189 -8.20 -22.91 -4.69
N LYS A 190 -7.95 -24.21 -4.90
CA LYS A 190 -6.82 -24.88 -4.25
C LYS A 190 -5.49 -24.21 -4.58
N GLU A 191 -5.26 -23.90 -5.85
CA GLU A 191 -3.98 -23.30 -6.24
C GLU A 191 -3.78 -21.95 -5.55
N GLN A 192 -4.85 -21.17 -5.42
CA GLN A 192 -4.75 -19.88 -4.76
C GLN A 192 -4.51 -20.05 -3.26
N ALA A 193 -5.30 -20.92 -2.62
CA ALA A 193 -5.16 -21.12 -1.17
C ALA A 193 -3.78 -21.63 -0.80
N GLU A 194 -3.14 -22.40 -1.69
CA GLU A 194 -1.85 -22.98 -1.37
C GLU A 194 -0.67 -22.07 -1.67
N ASN A 195 -0.85 -21.06 -2.50
CA ASN A 195 0.28 -20.26 -2.95
C ASN A 195 0.19 -18.77 -2.62
N ALA A 196 -0.99 -18.26 -2.31
CA ALA A 196 -1.19 -16.85 -2.00
C ALA A 196 -1.63 -16.72 -0.55
N ALA A 197 -1.73 -15.47 -0.11
CA ALA A 197 -2.22 -15.12 1.22
C ALA A 197 -3.42 -14.21 1.07
N LEU A 198 -4.27 -14.19 2.10
CA LEU A 198 -5.49 -13.40 2.09
C LEU A 198 -5.53 -12.47 3.30
N PHE A 199 -5.75 -11.17 3.06
CA PHE A 199 -5.86 -10.18 4.14
C PHE A 199 -7.32 -9.73 4.28
N GLY A 200 -7.79 -9.63 5.53
CA GLY A 200 -9.08 -9.03 5.78
C GLY A 200 -8.95 -7.54 6.04
N ILE A 201 -10.02 -6.79 5.82
CA ILE A 201 -9.99 -5.32 5.93
C ILE A 201 -10.96 -4.87 7.00
N GLN A 202 -10.44 -4.24 8.05
CA GLN A 202 -11.27 -3.68 9.11
C GLN A 202 -11.94 -2.40 8.64
N GLN A 203 -13.23 -2.26 8.93
CA GLN A 203 -13.96 -1.03 8.66
C GLN A 203 -14.56 -0.49 9.95
N GLY A 204 -15.54 0.41 9.86
CA GLY A 204 -16.12 1.01 11.06
C GLY A 204 -15.92 2.50 11.20
N SER A 205 -15.42 3.15 10.15
CA SER A 205 -15.27 4.61 10.12
C SER A 205 -14.41 5.05 11.31
N VAL A 206 -14.81 6.05 12.07
CA VAL A 206 -14.02 6.57 13.18
C VAL A 206 -14.53 6.08 14.53
N PHE A 207 -15.42 5.09 14.55
CA PHE A 207 -16.15 4.73 15.76
C PHE A 207 -15.53 3.50 16.41
N GLU A 208 -15.12 3.65 17.68
CA GLU A 208 -14.38 2.59 18.36
C GLU A 208 -15.19 1.30 18.45
N ASN A 209 -16.48 1.40 18.80
CA ASN A 209 -17.26 0.17 18.95
C ASN A 209 -17.41 -0.58 17.62
N LEU A 210 -17.53 0.13 16.51
CA LEU A 210 -17.64 -0.53 15.22
C LEU A 210 -16.32 -1.12 14.79
N ARG A 211 -15.22 -0.41 15.05
CA ARG A 211 -13.89 -0.95 14.78
C ARG A 211 -13.66 -2.24 15.57
N GLN A 212 -14.14 -2.29 16.81
CA GLN A 212 -14.00 -3.50 17.62
C GLN A 212 -14.83 -4.63 17.05
N GLN A 213 -16.08 -4.35 16.68
N GLN A 213 -16.08 -4.35 16.68
CA GLN A 213 -16.93 -5.38 16.07
CA GLN A 213 -16.91 -5.40 16.08
C GLN A 213 -16.30 -5.91 14.79
C GLN A 213 -16.29 -5.92 14.79
N SER A 214 -15.73 -5.02 13.97
CA SER A 214 -15.10 -5.45 12.73
C SER A 214 -13.87 -6.31 13.00
N ALA A 215 -13.00 -5.88 13.91
CA ALA A 215 -11.84 -6.69 14.25
C ALA A 215 -12.25 -8.07 14.74
N ASP A 216 -13.28 -8.13 15.60
CA ASP A 216 -13.73 -9.42 16.12
C ASP A 216 -14.24 -10.32 15.01
N ALA A 217 -15.02 -9.75 14.07
CA ALA A 217 -15.54 -10.54 12.97
C ALA A 217 -14.41 -11.07 12.10
N LEU A 218 -13.41 -10.23 11.81
CA LEU A 218 -12.31 -10.67 10.97
C LEU A 218 -11.48 -11.74 11.64
N ALA A 219 -11.22 -11.60 12.95
CA ALA A 219 -10.44 -12.61 13.65
C ALA A 219 -11.19 -13.93 13.75
N GLU A 220 -12.52 -13.90 13.88
CA GLU A 220 -13.29 -15.13 13.88
C GLU A 220 -13.16 -15.86 12.55
N ILE A 221 -13.19 -15.12 11.45
CA ILE A 221 -13.01 -15.74 10.13
C ILE A 221 -11.59 -16.25 9.99
N GLY A 222 -10.61 -15.41 10.34
CA GLY A 222 -9.20 -15.76 10.29
C GLY A 222 -8.59 -15.36 8.97
N PHE A 223 -7.53 -14.54 9.01
CA PHE A 223 -6.84 -14.08 7.83
C PHE A 223 -5.34 -14.14 8.06
N ASP A 224 -4.58 -14.05 6.96
CA ASP A 224 -3.13 -14.05 7.06
C ASP A 224 -2.58 -12.69 7.50
N GLY A 225 -3.34 -11.63 7.28
CA GLY A 225 -2.95 -10.29 7.69
C GLY A 225 -4.21 -9.46 7.77
N TYR A 226 -4.09 -8.28 8.36
CA TYR A 226 -5.25 -7.44 8.63
C TYR A 226 -4.96 -6.02 8.20
N ALA A 227 -5.79 -5.50 7.31
CA ALA A 227 -5.68 -4.11 6.91
C ALA A 227 -6.62 -3.23 7.73
N VAL A 228 -6.17 -2.01 8.00
CA VAL A 228 -7.04 -0.96 8.51
C VAL A 228 -7.57 -0.22 7.29
N GLY A 229 -8.83 -0.48 6.95
CA GLY A 229 -9.48 0.23 5.87
C GLY A 229 -10.22 1.46 6.35
N GLY A 230 -10.77 2.20 5.40
CA GLY A 230 -11.66 3.31 5.74
C GLY A 230 -10.99 4.56 6.24
N LEU A 231 -9.67 4.65 6.17
CA LEU A 231 -8.94 5.85 6.58
C LEU A 231 -8.25 6.45 5.37
N ALA A 232 -7.57 7.58 5.58
CA ALA A 232 -7.01 8.35 4.48
C ALA A 232 -8.08 8.69 3.44
N VAL A 233 -9.24 9.13 3.93
CA VAL A 233 -10.35 9.45 3.05
C VAL A 233 -10.91 10.82 3.39
N GLY A 234 -10.05 11.70 3.92
CA GLY A 234 -10.41 13.08 4.18
C GLY A 234 -10.43 13.46 5.65
N GLU A 235 -10.15 12.55 6.56
CA GLU A 235 -10.32 12.81 7.98
C GLU A 235 -9.18 13.62 8.59
N GLY A 236 -8.01 13.66 7.95
CA GLY A 236 -6.89 14.39 8.50
C GLY A 236 -6.07 13.57 9.48
N GLN A 237 -4.82 14.00 9.68
CA GLN A 237 -3.89 13.16 10.43
C GLN A 237 -4.29 13.01 11.89
N ASP A 238 -4.73 14.09 12.54
CA ASP A 238 -5.10 14.00 13.94
C ASP A 238 -6.16 12.92 14.15
N GLU A 239 -7.23 12.95 13.35
CA GLU A 239 -8.29 11.98 13.49
C GLU A 239 -7.83 10.58 13.09
N MET A 240 -7.04 10.48 12.02
CA MET A 240 -6.53 9.18 11.62
C MET A 240 -5.73 8.54 12.74
N PHE A 241 -4.84 9.32 13.35
CA PHE A 241 -4.02 8.81 14.46
C PHE A 241 -4.89 8.43 15.64
N ARG A 242 -5.91 9.24 15.96
CA ARG A 242 -6.83 8.90 17.04
C ARG A 242 -7.49 7.55 16.78
N VAL A 243 -7.96 7.32 15.55
CA VAL A 243 -8.60 6.04 15.25
C VAL A 243 -7.58 4.90 15.29
N LEU A 244 -6.38 5.12 14.76
CA LEU A 244 -5.34 4.08 14.85
C LEU A 244 -5.03 3.72 16.30
N ASP A 245 -5.03 4.72 17.19
CA ASP A 245 -4.68 4.48 18.60
C ASP A 245 -5.49 3.33 19.19
N PHE A 246 -6.81 3.32 18.97
CA PHE A 246 -7.63 2.22 19.48
C PHE A 246 -7.82 1.08 18.49
N SER A 247 -7.64 1.31 17.19
CA SER A 247 -8.01 0.28 16.21
C SER A 247 -6.94 -0.78 16.04
N VAL A 248 -5.66 -0.39 15.96
CA VAL A 248 -4.62 -1.38 15.71
C VAL A 248 -4.50 -2.40 16.82
N PRO A 249 -4.60 -2.05 18.11
CA PRO A 249 -4.53 -3.07 19.16
C PRO A 249 -5.65 -4.10 19.08
N MET A 250 -6.75 -3.81 18.37
CA MET A 250 -7.83 -4.78 18.24
C MET A 250 -7.48 -5.93 17.30
N LEU A 251 -6.50 -5.73 16.43
CA LEU A 251 -6.13 -6.73 15.45
C LEU A 251 -5.19 -7.74 16.09
N PRO A 252 -5.15 -8.96 15.56
CA PRO A 252 -4.18 -9.95 16.07
C PRO A 252 -2.77 -9.42 16.00
N ASP A 253 -2.06 -9.53 17.14
CA ASP A 253 -0.71 -9.00 17.24
C ASP A 253 0.27 -9.74 16.35
N ASP A 254 0.07 -11.04 16.16
CA ASP A 254 1.04 -11.89 15.46
C ASP A 254 0.87 -11.90 13.95
N LYS A 255 0.04 -11.03 13.39
CA LYS A 255 -0.15 -10.95 11.96
C LYS A 255 0.14 -9.53 11.49
N PRO A 256 0.52 -9.35 10.22
CA PRO A 256 0.83 -7.99 9.74
C PRO A 256 -0.38 -7.07 9.73
N HIS A 257 -0.10 -5.79 9.90
CA HIS A 257 -1.11 -4.73 9.94
C HIS A 257 -0.83 -3.76 8.80
N TYR A 258 -1.80 -3.60 7.90
CA TYR A 258 -1.60 -2.84 6.67
C TYR A 258 -2.53 -1.64 6.67
N LEU A 259 -1.98 -0.43 6.66
CA LEU A 259 -2.79 0.79 6.60
C LEU A 259 -2.97 1.22 5.15
N MET A 260 -4.18 1.05 4.62
CA MET A 260 -4.41 1.25 3.20
C MET A 260 -4.43 2.74 2.85
N GLY A 261 -3.68 3.11 1.81
CA GLY A 261 -3.72 4.45 1.29
C GLY A 261 -2.83 5.46 1.98
N VAL A 262 -1.97 5.03 2.91
CA VAL A 262 -1.09 5.93 3.65
C VAL A 262 0.37 5.60 3.30
N GLY A 263 1.18 6.60 2.96
CA GLY A 263 0.80 8.00 2.91
C GLY A 263 2.04 8.88 2.93
N LYS A 264 1.90 10.10 3.44
CA LYS A 264 3.01 11.02 3.54
C LYS A 264 4.03 10.51 4.56
N PRO A 265 5.30 10.92 4.44
CA PRO A 265 6.33 10.43 5.38
C PRO A 265 5.95 10.56 6.85
N ASP A 266 5.40 11.69 7.29
CA ASP A 266 5.04 11.83 8.70
C ASP A 266 3.88 10.91 9.07
N ASP A 267 3.01 10.65 8.14
CA ASP A 267 1.92 9.75 8.42
C ASP A 267 2.45 8.33 8.61
N ILE A 268 3.42 7.93 7.81
CA ILE A 268 4.03 6.62 7.94
C ILE A 268 4.71 6.48 9.30
N VAL A 269 5.52 7.47 9.69
CA VAL A 269 6.23 7.40 10.97
C VAL A 269 5.23 7.25 12.12
N GLY A 270 4.19 8.09 12.14
CA GLY A 270 3.22 8.00 13.22
C GLY A 270 2.40 6.72 13.19
N ALA A 271 2.13 6.19 11.99
CA ALA A 271 1.40 4.94 11.91
C ALA A 271 2.25 3.76 12.41
N VAL A 272 3.56 3.79 12.13
CA VAL A 272 4.45 2.75 12.68
C VAL A 272 4.47 2.83 14.20
N GLU A 273 4.52 4.05 14.76
CA GLU A 273 4.43 4.22 16.20
C GLU A 273 3.16 3.63 16.78
N ARG A 274 2.14 3.42 15.94
CA ARG A 274 0.86 2.91 16.38
C ARG A 274 0.64 1.46 15.95
N GLY A 275 1.67 0.78 15.44
CA GLY A 275 1.61 -0.64 15.18
C GLY A 275 1.38 -1.07 13.75
N ILE A 276 1.51 -0.16 12.77
CA ILE A 276 1.31 -0.52 11.37
C ILE A 276 2.61 -1.06 10.78
N ASP A 277 2.48 -2.10 9.94
CA ASP A 277 3.60 -2.78 9.32
C ASP A 277 3.73 -2.60 7.82
N MET A 278 2.68 -2.12 7.14
CA MET A 278 2.67 -2.08 5.68
C MET A 278 1.94 -0.83 5.22
N PHE A 279 2.46 -0.23 4.14
CA PHE A 279 1.99 1.04 3.61
C PHE A 279 1.98 1.00 2.08
N ASP A 280 1.05 1.76 1.51
CA ASP A 280 0.98 1.98 0.07
C ASP A 280 0.41 3.36 -0.15
N CYS A 281 0.90 4.05 -1.18
N CYS A 281 0.88 4.03 -1.20
CA CYS A 281 0.28 5.29 -1.60
CA CYS A 281 0.35 5.33 -1.57
C CYS A 281 0.91 5.71 -2.92
C CYS A 281 0.93 5.72 -2.92
N VAL A 282 0.17 6.52 -3.68
CA VAL A 282 0.64 7.02 -4.96
C VAL A 282 1.44 8.32 -4.81
N LEU A 283 1.54 8.85 -3.59
CA LEU A 283 2.22 10.14 -3.39
C LEU A 283 3.62 10.22 -3.98
N PRO A 284 4.55 9.28 -3.72
CA PRO A 284 5.89 9.43 -4.31
C PRO A 284 5.90 9.37 -5.82
N THR A 285 5.05 8.54 -6.42
CA THR A 285 5.00 8.45 -7.87
C THR A 285 4.23 9.61 -8.49
N ARG A 286 2.99 9.82 -8.04
CA ARG A 286 2.16 10.86 -8.64
C ARG A 286 2.76 12.25 -8.41
N SER A 287 3.11 12.57 -7.17
CA SER A 287 3.65 13.90 -6.91
C SER A 287 5.05 14.09 -7.49
N GLY A 288 5.79 13.00 -7.67
CA GLY A 288 7.07 13.11 -8.37
C GLY A 288 6.90 13.60 -9.79
N ARG A 289 5.95 13.03 -10.53
CA ARG A 289 5.69 13.49 -11.89
C ARG A 289 5.21 14.94 -11.92
N ASN A 290 4.63 15.43 -10.82
CA ASN A 290 4.15 16.80 -10.71
C ASN A 290 5.21 17.77 -10.21
N GLY A 291 6.40 17.29 -9.87
CA GLY A 291 7.48 18.17 -9.47
C GLY A 291 7.82 18.16 -7.98
N GLN A 292 7.07 17.45 -7.15
CA GLN A 292 7.39 17.39 -5.73
C GLN A 292 8.44 16.32 -5.46
N ALA A 293 9.55 16.72 -4.85
CA ALA A 293 10.61 15.80 -4.46
C ALA A 293 10.72 15.78 -2.95
N PHE A 294 10.82 14.59 -2.38
CA PHE A 294 10.97 14.46 -0.94
C PHE A 294 12.44 14.59 -0.52
N THR A 295 12.66 15.31 0.57
CA THR A 295 14.00 15.48 1.13
C THR A 295 13.89 15.36 2.64
N TRP A 296 15.02 15.11 3.30
CA TRP A 296 15.00 15.04 4.75
C TRP A 296 14.67 16.37 5.40
N ASP A 297 14.71 17.47 4.64
CA ASP A 297 14.31 18.78 5.13
C ASP A 297 12.91 19.17 4.66
N GLY A 298 12.09 18.19 4.26
CA GLY A 298 10.76 18.44 3.78
C GLY A 298 10.70 18.39 2.27
N PRO A 299 9.49 18.34 1.72
CA PRO A 299 9.35 18.30 0.26
C PRO A 299 9.72 19.62 -0.37
N ILE A 300 10.19 19.55 -1.62
CA ILE A 300 10.45 20.74 -2.42
C ILE A 300 9.70 20.59 -3.74
N ASN A 301 9.35 21.72 -4.35
CA ASN A 301 8.79 21.68 -5.70
C ASN A 301 9.88 22.09 -6.69
N ILE A 302 10.38 21.10 -7.43
CA ILE A 302 11.52 21.30 -8.30
C ILE A 302 11.22 22.27 -9.44
N ARG A 303 9.95 22.55 -9.72
N ARG A 303 9.94 22.54 -9.73
CA ARG A 303 9.61 23.52 -10.75
CA ARG A 303 9.61 23.53 -10.74
C ARG A 303 9.92 24.95 -10.32
C ARG A 303 9.96 24.94 -10.32
N ASN A 304 10.11 25.19 -9.02
CA ASN A 304 10.34 26.55 -8.55
C ASN A 304 11.62 27.13 -9.16
N ALA A 305 11.53 28.39 -9.58
CA ALA A 305 12.64 29.08 -10.23
C ALA A 305 13.90 29.08 -9.38
N ARG A 306 13.79 28.95 -8.05
CA ARG A 306 14.97 28.96 -7.22
C ARG A 306 15.88 27.76 -7.46
N PHE A 307 15.41 26.75 -8.18
CA PHE A 307 16.22 25.57 -8.47
C PHE A 307 16.87 25.61 -9.85
N SER A 308 16.65 26.67 -10.63
CA SER A 308 17.08 26.67 -12.04
C SER A 308 18.60 26.59 -12.18
N GLU A 309 19.36 27.01 -11.16
CA GLU A 309 20.81 26.99 -11.22
C GLU A 309 21.41 26.28 -10.02
N ASP A 310 20.62 25.45 -9.34
CA ASP A 310 21.04 24.75 -8.13
C ASP A 310 21.73 23.45 -8.54
N LEU A 311 23.03 23.37 -8.29
CA LEU A 311 23.79 22.19 -8.71
C LEU A 311 23.74 21.05 -7.70
N LYS A 312 23.12 21.24 -6.53
CA LYS A 312 23.02 20.17 -5.55
C LYS A 312 22.05 19.11 -6.03
N PRO A 313 22.20 17.87 -5.55
CA PRO A 313 21.20 16.83 -5.84
C PRO A 313 19.89 17.14 -5.13
N LEU A 314 18.85 16.41 -5.52
CA LEU A 314 17.54 16.60 -4.91
C LEU A 314 17.62 16.61 -3.39
N ASP A 315 18.33 15.64 -2.80
CA ASP A 315 18.55 15.61 -1.37
C ASP A 315 20.02 15.35 -1.09
N SER A 316 20.55 16.02 -0.06
CA SER A 316 21.98 16.04 0.23
C SER A 316 22.52 14.72 0.76
N GLU A 317 21.66 13.84 1.28
CA GLU A 317 22.11 12.58 1.87
C GLU A 317 21.63 11.36 1.11
N CYS A 318 20.60 11.49 0.29
CA CYS A 318 19.99 10.37 -0.42
C CYS A 318 21.03 9.59 -1.21
N HIS A 319 20.95 8.26 -1.13
CA HIS A 319 21.88 7.38 -1.80
C HIS A 319 21.42 6.94 -3.18
N CYS A 320 20.31 7.47 -3.68
CA CYS A 320 19.75 6.96 -4.93
C CYS A 320 20.61 7.36 -6.13
N ALA A 321 20.42 6.64 -7.23
CA ALA A 321 21.21 6.89 -8.43
C ALA A 321 20.97 8.29 -8.99
N VAL A 322 19.76 8.83 -8.80
CA VAL A 322 19.47 10.16 -9.31
C VAL A 322 20.31 11.20 -8.57
N CYS A 323 20.39 11.09 -7.24
CA CYS A 323 21.16 12.05 -6.47
C CYS A 323 22.66 11.85 -6.64
N GLN A 324 23.08 10.67 -7.10
CA GLN A 324 24.49 10.47 -7.40
C GLN A 324 24.91 11.18 -8.68
N LYS A 325 23.97 11.43 -9.62
N LYS A 325 24.00 11.42 -9.61
CA LYS A 325 24.32 11.72 -11.01
CA LYS A 325 24.42 11.86 -10.93
C LYS A 325 23.78 13.04 -11.57
C LYS A 325 23.93 13.25 -11.31
N TRP A 326 22.65 13.56 -11.09
CA TRP A 326 22.04 14.74 -11.68
C TRP A 326 21.72 15.82 -10.65
N SER A 327 21.73 17.06 -11.11
CA SER A 327 21.46 18.22 -10.27
C SER A 327 19.97 18.56 -10.24
N ARG A 328 19.59 19.28 -9.18
CA ARG A 328 18.30 19.96 -9.16
C ARG A 328 18.07 20.79 -10.41
N ALA A 329 19.10 21.51 -10.87
CA ALA A 329 18.95 22.37 -12.04
C ALA A 329 18.54 21.58 -13.27
N TYR A 330 19.15 20.41 -13.47
CA TYR A 330 18.79 19.60 -14.63
C TYR A 330 17.37 19.05 -14.50
N ILE A 331 17.00 18.55 -13.32
CA ILE A 331 15.67 17.98 -13.17
C ILE A 331 14.61 19.07 -13.27
N HIS A 332 14.91 20.26 -12.74
CA HIS A 332 14.05 21.43 -12.91
C HIS A 332 13.79 21.68 -14.38
N HIS A 333 14.85 21.72 -15.19
CA HIS A 333 14.72 21.93 -16.63
C HIS A 333 13.84 20.85 -17.26
N LEU A 334 14.09 19.59 -16.92
CA LEU A 334 13.32 18.50 -17.51
C LEU A 334 11.84 18.61 -17.17
N ILE A 335 11.51 18.87 -15.90
CA ILE A 335 10.10 18.92 -15.53
C ILE A 335 9.42 20.12 -16.15
N ARG A 336 10.12 21.27 -16.20
CA ARG A 336 9.56 22.44 -16.84
C ARG A 336 9.33 22.22 -18.33
N ALA A 337 10.19 21.43 -18.96
CA ALA A 337 10.06 21.13 -20.38
C ALA A 337 9.10 20.00 -20.67
N GLY A 338 8.52 19.37 -19.65
CA GLY A 338 7.62 18.26 -19.87
C GLY A 338 8.30 16.99 -20.35
N GLU A 339 9.59 16.83 -20.08
CA GLU A 339 10.33 15.69 -20.61
C GLU A 339 10.08 14.44 -19.77
N ILE A 340 9.92 13.31 -20.47
CA ILE A 340 9.70 12.03 -19.80
C ILE A 340 10.82 11.73 -18.81
N LEU A 341 12.07 12.01 -19.18
CA LEU A 341 13.16 11.73 -18.26
C LEU A 341 12.99 12.46 -16.93
N GLY A 342 12.35 13.63 -16.95
CA GLY A 342 12.06 14.29 -15.68
C GLY A 342 11.18 13.45 -14.78
N ALA A 343 10.12 12.87 -15.33
CA ALA A 343 9.26 11.99 -14.54
C ALA A 343 10.02 10.76 -14.05
N MET A 344 10.88 10.19 -14.91
CA MET A 344 11.66 9.02 -14.52
C MET A 344 12.55 9.32 -13.33
N LEU A 345 13.29 10.43 -13.39
CA LEU A 345 14.26 10.73 -12.34
C LEU A 345 13.55 11.12 -11.04
N MET A 346 12.50 11.94 -11.15
CA MET A 346 11.76 12.32 -9.93
C MET A 346 11.15 11.10 -9.26
N THR A 347 10.59 10.17 -10.04
CA THR A 347 9.93 9.01 -9.45
C THR A 347 10.95 8.08 -8.83
N GLU A 348 12.09 7.85 -9.48
CA GLU A 348 13.09 6.96 -8.89
C GLU A 348 13.60 7.53 -7.57
N HIS A 349 13.90 8.83 -7.54
CA HIS A 349 14.34 9.44 -6.28
C HIS A 349 13.27 9.32 -5.19
N ASN A 350 12.01 9.63 -5.53
CA ASN A 350 10.98 9.63 -4.49
C ASN A 350 10.75 8.24 -3.92
N ILE A 351 10.69 7.22 -4.80
N ILE A 351 10.69 7.23 -4.80
CA ILE A 351 10.52 5.87 -4.29
CA ILE A 351 10.53 5.86 -4.33
C ILE A 351 11.74 5.44 -3.50
C ILE A 351 11.74 5.43 -3.51
N ALA A 352 12.94 5.83 -3.94
CA ALA A 352 14.14 5.52 -3.17
C ALA A 352 14.13 6.21 -1.82
N PHE A 353 13.68 7.47 -1.77
CA PHE A 353 13.57 8.18 -0.49
C PHE A 353 12.64 7.44 0.45
N TYR A 354 11.46 7.04 -0.04
CA TYR A 354 10.54 6.27 0.79
C TYR A 354 11.18 5.00 1.32
N GLN A 355 11.94 4.29 0.48
CA GLN A 355 12.56 3.05 0.95
C GLN A 355 13.63 3.34 2.00
N GLN A 356 14.41 4.42 1.82
CA GLN A 356 15.40 4.80 2.82
C GLN A 356 14.72 5.17 4.13
N LEU A 357 13.56 5.83 4.05
CA LEU A 357 12.77 6.08 5.26
C LEU A 357 12.39 4.77 5.94
N MET A 358 11.90 3.78 5.17
CA MET A 358 11.52 2.52 5.80
C MET A 358 12.74 1.81 6.40
N GLN A 359 13.89 1.91 5.72
CA GLN A 359 15.09 1.27 6.26
C GLN A 359 15.51 1.92 7.57
N LYS A 360 15.46 3.25 7.64
CA LYS A 360 15.79 3.93 8.90
C LYS A 360 14.80 3.57 10.00
N ILE A 361 13.52 3.41 9.64
CA ILE A 361 12.52 2.96 10.61
C ILE A 361 12.86 1.56 11.12
N ARG A 362 13.10 0.63 10.20
CA ARG A 362 13.41 -0.75 10.60
C ARG A 362 14.64 -0.81 11.48
N ASP A 363 15.72 -0.14 11.06
CA ASP A 363 16.96 -0.17 11.83
C ASP A 363 16.77 0.47 13.20
N SER A 364 16.04 1.57 13.27
CA SER A 364 15.88 2.23 14.57
C SER A 364 15.04 1.39 15.53
N ILE A 365 13.99 0.72 15.03
CA ILE A 365 13.25 -0.21 15.90
C ILE A 365 14.17 -1.34 16.36
N SER A 366 14.93 -1.91 15.42
CA SER A 366 15.83 -3.01 15.76
C SER A 366 16.83 -2.61 16.83
N GLU A 367 17.19 -1.34 16.88
CA GLU A 367 18.18 -0.84 17.82
C GLU A 367 17.56 -0.15 19.04
N GLY A 368 16.23 -0.19 19.15
CA GLY A 368 15.58 0.39 20.31
C GLY A 368 15.66 1.89 20.38
N ARG A 369 15.80 2.58 19.25
CA ARG A 369 15.92 4.03 19.21
C ARG A 369 14.92 4.64 18.23
N PHE A 370 13.78 3.99 18.01
CA PHE A 370 12.80 4.48 17.05
C PHE A 370 12.11 5.75 17.57
N SER A 371 11.82 5.82 18.87
CA SER A 371 11.21 7.05 19.38
C SER A 371 12.12 8.25 19.12
N GLN A 372 13.42 8.09 19.33
CA GLN A 372 14.34 9.18 19.04
C GLN A 372 14.40 9.49 17.56
N PHE A 373 14.38 8.45 16.71
CA PHE A 373 14.35 8.68 15.27
C PHE A 373 13.13 9.50 14.86
N ALA A 374 11.95 9.12 15.36
CA ALA A 374 10.73 9.84 15.02
C ALA A 374 10.84 11.32 15.41
N GLN A 375 11.38 11.59 16.60
CA GLN A 375 11.53 12.97 17.04
C GLN A 375 12.52 13.72 16.15
N ASP A 376 13.68 13.12 15.89
CA ASP A 376 14.68 13.76 15.04
C ASP A 376 14.15 13.96 13.63
N PHE A 377 13.48 12.95 13.07
CA PHE A 377 12.92 13.06 11.73
C PHE A 377 11.99 14.26 11.64
N ARG A 378 11.07 14.40 12.60
CA ARG A 378 10.09 15.48 12.54
C ARG A 378 10.75 16.85 12.72
N ALA A 379 11.72 16.95 13.63
CA ALA A 379 12.34 18.24 13.88
C ALA A 379 12.99 18.79 12.61
N ARG A 380 13.62 17.91 11.83
CA ARG A 380 14.28 18.35 10.62
C ARG A 380 13.30 18.48 9.45
N TYR A 381 12.39 17.52 9.30
CA TYR A 381 11.47 17.52 8.17
C TYR A 381 10.55 18.73 8.19
N PHE A 382 10.20 19.22 9.39
CA PHE A 382 9.27 20.34 9.53
C PHE A 382 9.96 21.60 10.06
N ALA A 383 11.27 21.68 9.96
CA ALA A 383 12.01 22.85 10.46
C ALA A 383 11.60 24.13 9.72
ZN ZN B . 17.77 10.65 -4.42
C1 GOL C . 13.03 -6.87 -11.04
O1 GOL C . 12.74 -6.88 -12.42
C2 GOL C . 12.80 -8.26 -10.48
O2 GOL C . 11.74 -8.90 -11.15
C3 GOL C . 12.50 -8.13 -9.00
O3 GOL C . 13.12 -9.22 -8.33
C1 GOL D . -1.76 -19.02 -7.46
O1 GOL D . -0.94 -19.43 -8.54
C2 GOL D . -2.27 -17.61 -7.72
O2 GOL D . -3.55 -17.47 -7.14
C3 GOL D . -1.30 -16.63 -7.07
O3 GOL D . 0.00 -16.82 -7.58
C1 GOL E . 18.04 11.87 8.17
O1 GOL E . 19.43 11.67 8.06
C2 GOL E . 17.61 11.55 9.60
O2 GOL E . 17.66 10.15 9.79
C3 GOL E . 16.20 12.07 9.85
O3 GOL E . 16.22 13.47 9.87
C1 1UD F . -9.29 1.52 1.41
C2 1UD F . -9.03 2.74 2.02
C3 1UD F . -8.18 3.65 1.42
C4 1UD F . -7.61 3.32 0.19
C5 1UD F . -7.83 2.09 -0.44
C6 1UD F . -7.28 1.82 -1.82
C7 1UD F . -5.88 1.25 -1.78
C8 1UD F . -8.67 1.18 0.20
N9 1UD F . -8.93 -0.04 -0.45
C10 1UD F . -9.80 -0.86 0.12
N11 1UD F . -10.07 -2.04 -0.44
N12 1UD F . -10.46 -0.56 1.28
C13 1UD F . -10.27 0.60 2.00
O14 1UD F . -10.91 0.84 3.02
N15 1UD F . -7.83 4.96 1.68
N16 1UD F . -6.92 4.44 -0.28
C17 1UD F . -7.09 5.38 0.64
N18 1UD F . -6.61 6.62 0.60
C19 1UD F . -5.80 7.13 -0.49
C20 1UD F . -3.88 2.40 -4.29
O23 1UD F . -5.21 2.25 -3.84
C24 1UD F . -5.38 0.97 -3.19
C25 1UD F . -4.00 0.35 -3.17
O26 1UD F . -4.16 -1.06 -3.26
C27 1UD F . -3.36 0.97 -4.40
O28 1UD F . -3.85 0.33 -5.57
#